data_4EOX
#
_entry.id   4EOX
#
_cell.length_a   49.681
_cell.length_b   49.681
_cell.length_c   92.748
_cell.angle_alpha   90.00
_cell.angle_beta   90.00
_cell.angle_gamma   90.00
#
_symmetry.space_group_name_H-M   'P 43'
#
loop_
_entity.id
_entity.type
_entity.pdbx_description
1 polymer 'Peptide deformylase'
2 non-polymer 'NICKEL (II) ION'
3 non-polymer N-benzoyl-1-[(2R)-3-cyclopentyl-2-{[formyl(hydroxy)amino]methyl}propanoyl]-L-prolinamide
4 water water
#
_entity_poly.entity_id   1
_entity_poly.type   'polypeptide(L)'
_entity_poly.pdbx_seq_one_letter_code
;MSAIERITKAAHLIDMNDIIREGNPTLRTVAEEVTFPLSDQEIILGEKMMQFLKHSQDPVMAEKMGLRGGVGLAAPQLDI
SKRIIAVLVPNIVEEGETPQEAYDLEAIMYNPKIVSHSVQDAALGEGEGCLSVDRNVPGYVVRHARVTVDYFDKDGEKHR
IKLKGYNSIVVQHEIDHINGIMFYDRINEKDPFAVKDGLLILE
;
_entity_poly.pdbx_strand_id   P
#
# COMPACT_ATOMS: atom_id res chain seq x y z
N SER A 2 17.78 -11.95 7.93
CA SER A 2 17.25 -10.67 7.43
C SER A 2 15.90 -10.92 6.78
N ALA A 3 14.94 -9.99 6.97
CA ALA A 3 13.58 -10.24 6.48
C ALA A 3 13.56 -10.38 4.97
N ILE A 4 14.35 -9.56 4.25
CA ILE A 4 14.35 -9.67 2.78
C ILE A 4 14.96 -11.00 2.30
N GLU A 5 16.10 -11.43 2.87
CA GLU A 5 16.70 -12.72 2.49
C GLU A 5 15.73 -13.89 2.73
N ARG A 6 14.99 -13.85 3.84
CA ARG A 6 14.04 -14.90 4.19
C ARG A 6 12.80 -14.91 3.27
N ILE A 7 12.18 -13.74 3.06
CA ILE A 7 10.99 -13.65 2.21
C ILE A 7 11.28 -13.93 0.74
N THR A 8 12.52 -13.64 0.26
CA THR A 8 12.79 -13.79 -1.17
C THR A 8 13.34 -15.18 -1.52
N LYS A 9 13.42 -16.10 -0.55
CA LYS A 9 13.73 -17.48 -0.89
C LYS A 9 12.68 -18.04 -1.85
N ALA A 10 13.14 -18.83 -2.84
CA ALA A 10 12.18 -19.40 -3.80
C ALA A 10 11.05 -20.16 -3.09
N ALA A 11 11.36 -20.78 -1.93
CA ALA A 11 10.34 -21.63 -1.34
C ALA A 11 9.34 -20.85 -0.50
N HIS A 12 9.46 -19.54 -0.38
CA HIS A 12 8.64 -18.84 0.59
C HIS A 12 7.46 -18.18 -0.09
N LEU A 13 6.27 -18.43 0.44
CA LEU A 13 5.08 -17.66 0.03
C LEU A 13 4.78 -16.69 1.15
N ILE A 14 4.67 -15.39 0.82
CA ILE A 14 4.34 -14.43 1.88
C ILE A 14 2.96 -14.76 2.48
N ASP A 15 2.85 -14.68 3.80
CA ASP A 15 1.53 -14.83 4.39
C ASP A 15 1.44 -13.93 5.60
N MET A 16 0.34 -14.07 6.35
CA MET A 16 0.07 -13.04 7.36
C MET A 16 1.16 -13.02 8.41
N ASN A 17 1.85 -14.16 8.65
CA ASN A 17 2.96 -14.19 9.59
C ASN A 17 4.09 -13.26 9.23
N ASP A 18 4.21 -12.85 7.95
CA ASP A 18 5.29 -11.92 7.57
C ASP A 18 4.90 -10.47 7.74
N ILE A 19 3.64 -10.18 7.98
CA ILE A 19 3.17 -8.81 8.02
C ILE A 19 3.23 -8.36 9.47
N ILE A 20 4.02 -7.34 9.72
CA ILE A 20 4.17 -6.77 11.05
C ILE A 20 2.97 -5.90 11.39
N ARG A 21 2.75 -5.69 12.71
CA ARG A 21 1.55 -5.00 13.18
C ARG A 21 1.94 -3.76 13.97
N GLU A 22 0.96 -2.88 14.21
CA GLU A 22 1.29 -1.67 14.97
C GLU A 22 1.97 -2.02 16.28
N GLY A 23 2.91 -1.15 16.66
CA GLY A 23 3.84 -1.35 17.73
C GLY A 23 5.24 -1.68 17.25
N ASN A 24 5.36 -2.31 16.09
CA ASN A 24 6.68 -2.49 15.52
C ASN A 24 7.18 -1.17 14.93
N PRO A 25 8.36 -0.65 15.36
CA PRO A 25 8.84 0.66 14.90
C PRO A 25 9.09 0.76 13.42
N THR A 26 9.25 -0.36 12.73
CA THR A 26 9.46 -0.26 11.28
C THR A 26 8.28 0.44 10.61
N LEU A 27 7.07 0.35 11.17
CA LEU A 27 5.92 0.98 10.51
C LEU A 27 5.89 2.48 10.69
N ARG A 28 6.68 3.01 11.61
CA ARG A 28 6.83 4.44 11.89
C ARG A 28 8.15 5.01 11.33
N THR A 29 8.92 4.22 10.59
CA THR A 29 10.17 4.66 10.02
C THR A 29 10.01 5.04 8.54
N VAL A 30 10.76 6.05 8.11
CA VAL A 30 10.75 6.45 6.70
C VAL A 30 11.67 5.53 5.90
N ALA A 31 11.11 4.85 4.89
CA ALA A 31 11.78 3.78 4.16
C ALA A 31 12.79 4.39 3.21
N GLU A 32 13.83 3.63 2.90
CA GLU A 32 14.92 4.08 2.05
C GLU A 32 14.65 3.83 0.55
N GLU A 33 15.02 4.83 -0.26
CA GLU A 33 15.01 4.70 -1.72
C GLU A 33 15.83 3.49 -2.17
N VAL A 34 15.32 2.76 -3.20
CA VAL A 34 16.14 1.76 -3.91
C VAL A 34 16.95 2.45 -4.99
N THR A 35 18.06 1.84 -5.35
CA THR A 35 18.96 2.30 -6.41
C THR A 35 18.85 1.40 -7.61
N PHE A 36 19.20 1.95 -8.80
CA PHE A 36 19.13 1.13 -10.00
C PHE A 36 20.52 0.92 -10.59
N PRO A 37 20.86 -0.28 -11.09
CA PRO A 37 19.87 -1.35 -11.26
C PRO A 37 19.48 -2.02 -9.95
N LEU A 38 18.28 -2.61 -9.94
CA LEU A 38 17.82 -3.38 -8.77
C LEU A 38 18.62 -4.68 -8.62
N SER A 39 18.73 -5.11 -7.36
CA SER A 39 19.22 -6.48 -7.15
C SER A 39 18.11 -7.47 -7.49
N ASP A 40 18.51 -8.71 -7.72
CA ASP A 40 17.54 -9.80 -7.86
C ASP A 40 16.59 -9.80 -6.67
N GLN A 41 17.15 -9.73 -5.44
CA GLN A 41 16.29 -9.73 -4.24
C GLN A 41 15.20 -8.66 -4.27
N GLU A 42 15.54 -7.43 -4.68
CA GLU A 42 14.53 -6.36 -4.77
C GLU A 42 13.49 -6.63 -5.82
N ILE A 43 13.89 -7.26 -6.94
CA ILE A 43 12.89 -7.65 -7.96
C ILE A 43 12.01 -8.76 -7.43
N ILE A 44 12.62 -9.77 -6.83
CA ILE A 44 11.84 -10.88 -6.34
C ILE A 44 10.89 -10.43 -5.25
N LEU A 45 11.35 -9.51 -4.38
CA LEU A 45 10.49 -9.05 -3.30
C LEU A 45 9.23 -8.42 -3.88
N GLY A 46 9.37 -7.58 -4.90
CA GLY A 46 8.19 -6.93 -5.50
C GLY A 46 7.25 -7.97 -6.08
N GLU A 47 7.80 -8.97 -6.77
CA GLU A 47 6.97 -10.07 -7.32
C GLU A 47 6.26 -10.84 -6.22
N LYS A 48 6.95 -11.12 -5.11
CA LYS A 48 6.33 -11.89 -4.00
C LYS A 48 5.21 -11.10 -3.36
N MET A 49 5.37 -9.77 -3.30
CA MET A 49 4.31 -8.95 -2.71
C MET A 49 3.08 -8.99 -3.60
N MET A 50 3.30 -8.94 -4.92
CA MET A 50 2.19 -9.01 -5.84
C MET A 50 1.50 -10.39 -5.75
N GLN A 51 2.30 -11.47 -5.63
CA GLN A 51 1.70 -12.79 -5.44
C GLN A 51 0.87 -12.86 -4.17
N PHE A 52 1.33 -12.20 -3.12
CA PHE A 52 0.54 -12.17 -1.90
C PHE A 52 -0.83 -11.54 -2.16
N LEU A 53 -0.86 -10.41 -2.86
CA LEU A 53 -2.16 -9.77 -3.10
C LEU A 53 -3.09 -10.64 -3.91
N LYS A 54 -2.55 -11.34 -4.91
CA LYS A 54 -3.40 -12.13 -5.78
C LYS A 54 -3.91 -13.35 -5.02
N HIS A 55 -3.07 -13.89 -4.16
CA HIS A 55 -3.48 -15.04 -3.32
C HIS A 55 -4.53 -14.57 -2.35
N SER A 56 -4.37 -13.36 -1.80
CA SER A 56 -5.30 -12.84 -0.79
C SER A 56 -6.67 -12.59 -1.38
N GLN A 57 -6.77 -12.32 -2.69
CA GLN A 57 -8.04 -12.05 -3.35
C GLN A 57 -8.64 -13.31 -3.97
N ASP A 58 -7.88 -14.42 -3.93
CA ASP A 58 -8.32 -15.71 -4.45
C ASP A 58 -8.98 -16.46 -3.31
N PRO A 59 -10.29 -16.74 -3.38
CA PRO A 59 -10.94 -17.25 -2.17
C PRO A 59 -10.43 -18.62 -1.79
N VAL A 60 -10.08 -19.43 -2.79
CA VAL A 60 -9.55 -20.77 -2.49
C VAL A 60 -8.22 -20.64 -1.78
N MET A 61 -7.30 -19.86 -2.37
CA MET A 61 -5.97 -19.69 -1.79
C MET A 61 -6.00 -18.90 -0.49
N ALA A 62 -6.80 -17.82 -0.43
CA ALA A 62 -6.92 -17.07 0.81
C ALA A 62 -7.34 -17.96 1.99
N GLU A 63 -8.31 -18.83 1.76
CA GLU A 63 -8.75 -19.80 2.77
C GLU A 63 -7.62 -20.76 3.16
N LYS A 64 -6.93 -21.37 2.18
CA LYS A 64 -5.87 -22.34 2.52
C LYS A 64 -4.72 -21.67 3.26
N MET A 65 -4.40 -20.39 2.93
CA MET A 65 -3.25 -19.72 3.55
C MET A 65 -3.63 -18.89 4.76
N GLY A 66 -4.92 -18.72 5.02
CA GLY A 66 -5.37 -17.90 6.15
C GLY A 66 -5.18 -16.42 5.89
N LEU A 67 -5.40 -15.96 4.67
CA LEU A 67 -5.05 -14.58 4.33
C LEU A 67 -6.25 -13.66 4.54
N ARG A 68 -5.95 -12.40 4.94
CA ARG A 68 -6.86 -11.26 4.85
C ARG A 68 -6.74 -10.63 3.45
N GLY A 69 -7.86 -10.57 2.72
CA GLY A 69 -7.80 -10.02 1.37
C GLY A 69 -7.34 -8.58 1.37
N GLY A 70 -6.44 -8.26 0.44
CA GLY A 70 -5.86 -6.92 0.42
C GLY A 70 -5.71 -6.41 -1.01
N VAL A 71 -5.74 -5.07 -1.11
CA VAL A 71 -5.58 -4.36 -2.38
C VAL A 71 -4.23 -3.66 -2.49
N GLY A 72 -3.39 -3.73 -1.48
CA GLY A 72 -2.13 -3.00 -1.52
C GLY A 72 -1.25 -3.54 -0.43
N LEU A 73 0.06 -3.37 -0.59
CA LEU A 73 1.03 -3.81 0.42
C LEU A 73 2.28 -2.95 0.24
N ALA A 74 2.94 -2.61 1.33
CA ALA A 74 4.16 -1.83 1.22
C ALA A 74 5.30 -2.61 1.90
N ALA A 75 6.53 -2.50 1.40
CA ALA A 75 7.59 -3.32 1.98
C ALA A 75 7.79 -3.11 3.48
N PRO A 76 7.64 -1.89 4.03
CA PRO A 76 7.77 -1.76 5.48
C PRO A 76 6.80 -2.62 6.26
N GLN A 77 5.64 -3.03 5.68
CA GLN A 77 4.70 -3.94 6.36
C GLN A 77 5.27 -5.35 6.47
N LEU A 78 6.34 -5.66 5.72
CA LEU A 78 7.12 -6.91 5.79
C LEU A 78 8.36 -6.75 6.63
N ASP A 79 8.49 -5.59 7.32
CA ASP A 79 9.69 -5.23 8.08
C ASP A 79 10.88 -4.95 7.18
N ILE A 80 10.63 -4.50 5.96
CA ILE A 80 11.74 -4.22 5.04
C ILE A 80 11.60 -2.75 4.71
N SER A 81 12.61 -1.95 5.06
CA SER A 81 12.41 -0.48 4.97
C SER A 81 13.04 -0.09 3.65
N LYS A 82 12.26 -0.38 2.59
CA LYS A 82 12.58 0.09 1.24
C LYS A 82 11.30 0.62 0.64
N ARG A 83 11.47 1.55 -0.29
CA ARG A 83 10.31 2.24 -0.89
C ARG A 83 9.91 1.38 -2.07
N ILE A 84 9.13 0.35 -1.76
CA ILE A 84 8.59 -0.59 -2.74
C ILE A 84 7.16 -0.86 -2.32
N ILE A 85 6.22 -0.72 -3.25
CA ILE A 85 4.82 -1.00 -2.98
C ILE A 85 4.23 -1.85 -4.12
N ALA A 86 3.17 -2.58 -3.79
CA ALA A 86 2.38 -3.36 -4.77
C ALA A 86 0.93 -2.95 -4.60
N VAL A 87 0.22 -2.75 -5.72
CA VAL A 87 -1.20 -2.40 -5.66
C VAL A 87 -1.96 -3.28 -6.63
N LEU A 88 -3.13 -3.77 -6.20
CA LEU A 88 -3.90 -4.68 -7.06
C LEU A 88 -5.35 -4.37 -6.77
N VAL A 89 -6.04 -3.69 -7.68
CA VAL A 89 -7.43 -3.29 -7.41
C VAL A 89 -8.34 -4.03 -8.38
N PRO A 90 -9.26 -4.87 -7.90
CA PRO A 90 -10.00 -5.70 -8.86
C PRO A 90 -11.05 -4.89 -9.61
N ASN A 91 -11.30 -5.31 -10.84
CA ASN A 91 -12.35 -4.61 -11.54
C ASN A 91 -13.68 -5.08 -10.96
N ILE A 92 -14.67 -4.20 -11.00
CA ILE A 92 -15.98 -4.68 -10.59
C ILE A 92 -17.06 -4.82 -11.69
N ALA A 102 -10.06 -8.10 -15.44
CA ALA A 102 -9.53 -8.69 -14.19
C ALA A 102 -9.32 -7.63 -13.13
N TYR A 103 -8.34 -6.77 -13.38
CA TYR A 103 -7.91 -5.83 -12.38
C TYR A 103 -7.95 -4.45 -13.00
N ASP A 104 -8.46 -3.49 -12.23
CA ASP A 104 -8.47 -2.10 -12.67
C ASP A 104 -7.10 -1.47 -12.56
N LEU A 105 -6.31 -1.86 -11.54
CA LEU A 105 -4.96 -1.35 -11.35
C LEU A 105 -4.08 -2.47 -10.83
N GLU A 106 -2.95 -2.74 -11.49
CA GLU A 106 -2.02 -3.75 -11.00
C GLU A 106 -0.63 -3.19 -11.20
N ALA A 107 0.10 -2.90 -10.12
CA ALA A 107 1.44 -2.33 -10.31
C ALA A 107 2.36 -2.73 -9.18
N ILE A 108 3.62 -2.97 -9.49
CA ILE A 108 4.68 -3.02 -8.47
C ILE A 108 5.52 -1.78 -8.70
N MET A 109 5.57 -0.90 -7.70
CA MET A 109 6.14 0.43 -7.90
C MET A 109 7.42 0.55 -7.06
N TYR A 110 8.53 0.99 -7.69
CA TYR A 110 9.77 1.27 -6.98
C TYR A 110 9.93 2.78 -6.88
N ASN A 111 10.29 3.26 -5.70
CA ASN A 111 10.42 4.69 -5.41
C ASN A 111 9.21 5.50 -5.89
N PRO A 112 7.99 5.13 -5.48
CA PRO A 112 6.79 5.92 -5.90
C PRO A 112 6.76 7.28 -5.23
N LYS A 113 6.29 8.29 -5.97
CA LYS A 113 6.31 9.66 -5.44
C LYS A 113 5.09 10.38 -5.96
N ILE A 114 4.39 11.11 -5.09
CA ILE A 114 3.33 12.03 -5.57
C ILE A 114 3.97 13.30 -6.10
N VAL A 115 3.79 13.55 -7.41
CA VAL A 115 4.39 14.73 -8.04
C VAL A 115 3.36 15.85 -8.22
N SER A 116 2.06 15.56 -8.11
CA SER A 116 1.03 16.59 -8.24
C SER A 116 -0.22 16.09 -7.53
N HIS A 117 -0.99 17.00 -6.92
CA HIS A 117 -2.24 16.53 -6.31
C HIS A 117 -3.26 17.65 -6.39
N SER A 118 -4.53 17.22 -6.41
CA SER A 118 -5.65 18.17 -6.43
C SER A 118 -5.75 18.93 -5.12
N VAL A 119 -6.30 20.14 -5.21
CA VAL A 119 -6.71 20.83 -4.00
C VAL A 119 -7.84 20.09 -3.32
N GLN A 120 -8.81 19.59 -4.08
CA GLN A 120 -9.88 18.79 -3.51
C GLN A 120 -9.32 17.60 -2.73
N ASP A 121 -9.91 17.35 -1.56
CA ASP A 121 -9.60 16.11 -0.83
C ASP A 121 -10.65 15.03 -1.08
N ALA A 122 -10.36 13.80 -0.65
CA ALA A 122 -11.36 12.76 -0.79
C ALA A 122 -11.18 11.77 0.36
N ALA A 123 -12.24 11.01 0.66
CA ALA A 123 -12.16 9.94 1.66
C ALA A 123 -13.14 8.84 1.29
N LEU A 124 -12.79 7.58 1.63
CA LEU A 124 -13.73 6.49 1.43
C LEU A 124 -14.85 6.63 2.45
N GLY A 125 -16.09 6.49 1.98
CA GLY A 125 -17.16 6.66 2.94
C GLY A 125 -17.29 5.53 3.92
N GLU A 126 -16.75 4.36 3.55
CA GLU A 126 -16.66 3.18 4.42
C GLU A 126 -15.48 3.27 5.36
N GLY A 127 -14.65 4.31 5.26
CA GLY A 127 -13.41 4.40 6.04
C GLY A 127 -12.33 3.47 5.48
N GLU A 128 -11.27 3.25 6.25
CA GLU A 128 -10.18 2.36 5.82
C GLU A 128 -9.84 1.42 6.98
N GLY A 129 -9.31 0.25 6.63
CA GLY A 129 -8.53 -0.52 7.58
C GLY A 129 -7.11 -0.70 7.09
N CYS A 130 -6.35 -1.61 7.73
CA CYS A 130 -4.95 -1.80 7.36
C CYS A 130 -4.57 -3.24 7.70
N LEU A 131 -3.76 -3.91 6.85
CA LEU A 131 -3.31 -5.26 7.24
C LEU A 131 -2.40 -5.26 8.46
N SER A 132 -1.74 -4.13 8.76
CA SER A 132 -0.90 -3.97 9.94
C SER A 132 -1.70 -3.52 11.18
N VAL A 133 -3.03 -3.39 11.10
CA VAL A 133 -3.89 -2.89 12.19
C VAL A 133 -4.99 -3.90 12.53
N ASP A 134 -4.85 -4.54 13.69
CA ASP A 134 -5.76 -5.60 14.08
C ASP A 134 -7.00 -5.11 14.81
N ARG A 135 -7.39 -3.87 14.60
CA ARG A 135 -8.57 -3.33 15.22
C ARG A 135 -9.26 -2.47 14.17
N ASN A 136 -10.43 -1.93 14.52
CA ASN A 136 -11.14 -1.01 13.67
C ASN A 136 -10.96 0.40 14.22
N VAL A 137 -10.69 1.35 13.33
CA VAL A 137 -10.71 2.77 13.66
C VAL A 137 -11.67 3.49 12.71
N PRO A 138 -12.90 3.76 13.16
CA PRO A 138 -13.85 4.46 12.29
C PRO A 138 -13.41 5.88 11.96
N GLY A 139 -14.05 6.37 10.91
CA GLY A 139 -13.87 7.76 10.50
C GLY A 139 -13.35 7.93 9.08
N TYR A 140 -13.56 9.13 8.53
CA TYR A 140 -13.09 9.45 7.20
C TYR A 140 -11.57 9.68 7.24
N VAL A 141 -10.84 8.90 6.42
CA VAL A 141 -9.40 9.09 6.31
C VAL A 141 -9.13 10.09 5.19
N VAL A 142 -8.66 11.30 5.53
CA VAL A 142 -8.68 12.44 4.57
C VAL A 142 -7.41 12.40 3.71
N ARG A 143 -7.61 12.27 2.39
CA ARG A 143 -6.51 12.13 1.42
C ARG A 143 -6.69 13.15 0.30
N HIS A 144 -5.76 13.19 -0.64
CA HIS A 144 -6.02 14.01 -1.84
C HIS A 144 -6.98 13.30 -2.75
N ALA A 145 -7.86 14.05 -3.41
CA ALA A 145 -8.81 13.37 -4.31
C ALA A 145 -8.07 12.75 -5.51
N ARG A 146 -7.22 13.54 -6.20
CA ARG A 146 -6.49 13.07 -7.40
C ARG A 146 -5.01 13.25 -7.19
N VAL A 147 -4.22 12.29 -7.69
CA VAL A 147 -2.77 12.39 -7.55
C VAL A 147 -2.15 11.99 -8.86
N THR A 148 -1.01 12.61 -9.16
CA THR A 148 -0.10 12.16 -10.21
C THR A 148 1.08 11.52 -9.50
N VAL A 149 1.37 10.28 -9.87
CA VAL A 149 2.39 9.46 -9.22
C VAL A 149 3.43 9.06 -10.25
N ASP A 150 4.69 9.35 -9.94
CA ASP A 150 5.85 8.84 -10.65
C ASP A 150 6.38 7.60 -9.92
N TYR A 151 6.81 6.60 -10.66
CA TYR A 151 7.46 5.43 -10.04
C TYR A 151 8.34 4.81 -11.11
N PHE A 152 9.23 3.91 -10.68
CA PHE A 152 10.01 3.09 -11.60
C PHE A 152 9.56 1.64 -11.52
N ASP A 153 9.67 0.97 -12.67
CA ASP A 153 9.41 -0.48 -12.70
C ASP A 153 10.69 -1.24 -12.46
N LYS A 154 10.57 -2.55 -12.51
CA LYS A 154 11.70 -3.44 -12.18
C LYS A 154 12.90 -3.24 -13.10
N ASP A 155 12.65 -2.77 -14.34
CA ASP A 155 13.70 -2.47 -15.31
C ASP A 155 14.26 -1.07 -15.19
N GLY A 156 13.81 -0.27 -14.22
CA GLY A 156 14.31 1.08 -14.14
C GLY A 156 13.66 2.09 -15.02
N GLU A 157 12.55 1.74 -15.69
CA GLU A 157 11.87 2.68 -16.58
C GLU A 157 10.88 3.45 -15.73
N LYS A 158 10.77 4.76 -16.00
CA LYS A 158 9.91 5.64 -15.24
C LYS A 158 8.49 5.64 -15.83
N HIS A 159 7.52 5.63 -14.95
CA HIS A 159 6.11 5.70 -15.30
C HIS A 159 5.54 6.89 -14.56
N ARG A 160 4.60 7.56 -15.21
CA ARG A 160 3.90 8.66 -14.58
C ARG A 160 2.41 8.44 -14.82
N ILE A 161 1.61 8.28 -13.75
CA ILE A 161 0.23 7.88 -13.85
C ILE A 161 -0.64 8.84 -13.08
N LYS A 162 -1.90 8.95 -13.49
CA LYS A 162 -2.88 9.82 -12.86
C LYS A 162 -3.96 8.93 -12.28
N LEU A 163 -4.26 9.14 -10.99
CA LEU A 163 -5.25 8.34 -10.28
C LEU A 163 -6.34 9.21 -9.68
N LYS A 164 -7.56 8.66 -9.64
CA LYS A 164 -8.64 9.31 -8.92
C LYS A 164 -9.51 8.23 -8.29
N GLY A 165 -10.55 8.71 -7.58
CA GLY A 165 -11.42 7.69 -6.98
C GLY A 165 -10.70 6.76 -6.02
N TYR A 166 -11.19 5.52 -6.01
CA TYR A 166 -10.67 4.52 -5.07
C TYR A 166 -9.20 4.25 -5.35
N ASN A 167 -8.81 4.20 -6.66
CA ASN A 167 -7.40 3.86 -6.92
C ASN A 167 -6.46 4.89 -6.35
N SER A 168 -6.87 6.16 -6.35
CA SER A 168 -6.05 7.22 -5.74
C SER A 168 -5.87 6.97 -4.23
N ILE A 169 -6.94 6.57 -3.56
CA ILE A 169 -6.85 6.33 -2.11
C ILE A 169 -5.88 5.19 -1.82
N VAL A 170 -5.95 4.13 -2.64
CA VAL A 170 -5.15 2.94 -2.36
C VAL A 170 -3.67 3.27 -2.46
N VAL A 171 -3.26 3.90 -3.57
CA VAL A 171 -1.84 4.21 -3.73
C VAL A 171 -1.37 5.17 -2.63
N GLN A 172 -2.23 6.11 -2.22
CA GLN A 172 -1.87 7.03 -1.14
C GLN A 172 -1.68 6.31 0.19
N HIS A 173 -2.55 5.34 0.51
CA HIS A 173 -2.33 4.51 1.70
C HIS A 173 -0.95 3.84 1.67
N GLU A 174 -0.58 3.25 0.53
CA GLU A 174 0.72 2.56 0.52
C GLU A 174 1.88 3.55 0.60
N ILE A 175 1.80 4.67 -0.10
CA ILE A 175 2.88 5.62 0.01
C ILE A 175 2.98 6.12 1.47
N ASP A 176 1.82 6.28 2.16
CA ASP A 176 1.93 6.65 3.58
C ASP A 176 2.81 5.64 4.33
N HIS A 177 2.63 4.34 4.06
CA HIS A 177 3.46 3.30 4.70
C HIS A 177 4.97 3.55 4.51
N ILE A 178 5.40 3.95 3.32
CA ILE A 178 6.85 4.09 3.13
C ILE A 178 7.38 5.39 3.75
N ASN A 179 6.47 6.27 4.22
CA ASN A 179 6.82 7.47 4.98
C ASN A 179 6.57 7.33 6.48
N GLY A 180 6.25 6.14 6.95
CA GLY A 180 5.89 5.92 8.35
C GLY A 180 4.56 6.48 8.83
N ILE A 181 3.51 6.52 7.97
CA ILE A 181 2.20 7.08 8.31
C ILE A 181 1.16 5.98 8.20
N MET A 182 0.26 5.93 9.21
CA MET A 182 -0.87 5.03 9.36
C MET A 182 -2.20 5.73 9.05
N PHE A 183 -3.17 4.96 8.57
CA PHE A 183 -4.36 5.63 8.03
C PHE A 183 -5.07 6.46 9.09
N TYR A 184 -5.05 6.00 10.35
CA TYR A 184 -5.78 6.75 11.37
C TYR A 184 -5.10 8.05 11.75
N ASP A 185 -3.85 8.27 11.31
CA ASP A 185 -3.24 9.59 11.41
C ASP A 185 -4.04 10.64 10.64
N ARG A 186 -4.83 10.20 9.63
CA ARG A 186 -5.59 11.11 8.74
C ARG A 186 -7.06 11.27 9.10
N ILE A 187 -7.48 10.65 10.22
CA ILE A 187 -8.85 10.80 10.72
C ILE A 187 -8.82 11.95 11.71
N ASN A 188 -9.85 12.77 11.68
CA ASN A 188 -9.98 13.82 12.70
C ASN A 188 -10.69 13.19 13.90
N GLU A 189 -9.94 12.95 14.97
CA GLU A 189 -10.47 12.20 16.10
C GLU A 189 -11.56 12.98 16.85
N LYS A 190 -11.63 14.31 16.66
CA LYS A 190 -12.63 15.11 17.35
C LYS A 190 -14.01 14.99 16.71
N ASP A 191 -14.08 14.95 15.39
CA ASP A 191 -15.31 14.56 14.71
C ASP A 191 -14.89 13.71 13.52
N PRO A 192 -14.81 12.40 13.71
CA PRO A 192 -14.26 11.54 12.65
C PRO A 192 -15.04 11.57 11.37
N PHE A 193 -16.34 11.93 11.42
CA PHE A 193 -17.24 11.99 10.27
C PHE A 193 -17.47 13.40 9.74
N ALA A 194 -16.72 14.36 10.26
CA ALA A 194 -16.70 15.74 9.79
C ALA A 194 -16.41 15.81 8.28
N VAL A 195 -17.13 16.69 7.60
CA VAL A 195 -16.88 16.91 6.19
C VAL A 195 -16.69 18.41 6.00
N LYS A 196 -15.44 18.83 5.86
CA LYS A 196 -15.10 20.23 5.56
C LYS A 196 -15.43 20.53 4.11
N ASP A 197 -15.53 21.81 3.79
CA ASP A 197 -15.66 22.16 2.38
C ASP A 197 -14.44 21.65 1.60
N GLY A 198 -14.72 21.07 0.44
CA GLY A 198 -13.66 20.56 -0.42
C GLY A 198 -13.33 19.11 -0.18
N LEU A 199 -14.04 18.43 0.74
CA LEU A 199 -13.87 16.97 0.97
C LEU A 199 -14.95 16.16 0.28
N LEU A 200 -14.52 15.28 -0.60
CA LEU A 200 -15.44 14.48 -1.39
C LEU A 200 -15.47 13.08 -0.75
N ILE A 201 -16.64 12.68 -0.27
CA ILE A 201 -16.84 11.33 0.29
C ILE A 201 -17.19 10.41 -0.86
N LEU A 202 -16.38 9.36 -1.03
CA LEU A 202 -16.51 8.43 -2.11
C LEU A 202 -17.42 7.30 -1.68
#